data_3QQE
#
_entry.id   3QQE
#
_cell.length_a   70.339
_cell.length_b   70.339
_cell.length_c   237.093
_cell.angle_alpha   90.000
_cell.angle_beta   90.000
_cell.angle_gamma   120.000
#
_symmetry.space_group_name_H-M   'P 63'
#
loop_
_entity.id
_entity.type
_entity.pdbx_description
1 polymer Hemagglutinin
2 polymer Hemagglutinin
3 branched 2-acetamido-2-deoxy-beta-D-glucopyranose-(1-4)-2-acetamido-2-deoxy-beta-D-glucopyranose
4 non-polymer 2-acetamido-2-deoxy-beta-D-glucopyranose
5 non-polymer 1,2-ETHANEDIOL
6 non-polymer DI(HYDROXYETHYL)ETHER
7 water water
#
loop_
_entity_poly.entity_id
_entity_poly.type
_entity_poly.pdbx_seq_one_letter_code
_entity_poly.pdbx_strand_id
1 'polypeptide(L)'
;PGDQICIGYHANNSTEKVDTILERNVTVTHAKDILEKTHNGKLCKLNGIPPLELGDCSIAGWLLGNPECDRLLSVPEWSY
IMEKENPRDGLCYPGSFNDYEELKHLLSSVKHFEKVKILPKDRWTQHTTTGGSRACAVSGNPSFFRNMVWLTEKGSNYPV
AKGSYNNTSGEQMLIIWGVHHPNDETEQRTLYQNVGTYVSVGTSTLNKRSTPEIATRPKVNGQGGRMEFSWTLLDMWDTI
NFESTGNLIAPEYGFKISKRGSSGIMKTEGTLENCETKCQTPLGAINTTLPFHNVHPLTIGECPKYVKSEKLVLATGLRN
VPQIESR
;
A
2 'polypeptide(L)'
;GLFGAIAGFIEGGWQGMVDGWYGYHHSNDQGSGYAADKESTQKAFDGITNKVNSVIEKMNTQFEAVGKEFSNLERRLENL
NKKMEDGFLDVWTYNAELLVLMENEHTLDFHDSNVKNLYDKVRMQLRDNVKELGNGCFEFYHKCDDECMNSVKNGTYDYP
KYEEESKLNRNEIK
;
B
#
loop_
_chem_comp.id
_chem_comp.type
_chem_comp.name
_chem_comp.formula
EDO non-polymer 1,2-ETHANEDIOL 'C2 H6 O2'
NAG D-saccharide, beta linking 2-acetamido-2-deoxy-beta-D-glucopyranose 'C8 H15 N O6'
PEG non-polymer DI(HYDROXYETHYL)ETHER 'C4 H10 O3'
#
# COMPACT_ATOMS: atom_id res chain seq x y z
N PRO A 1 -23.65 40.52 -46.47
CA PRO A 1 -23.20 39.86 -45.24
C PRO A 1 -23.81 40.51 -43.99
N GLY A 2 -24.48 39.69 -43.16
CA GLY A 2 -25.14 40.18 -41.94
C GLY A 2 -24.44 39.84 -40.63
N ASP A 3 -25.14 40.10 -39.53
CA ASP A 3 -24.64 39.83 -38.20
C ASP A 3 -24.56 38.31 -37.99
N GLN A 4 -23.64 37.88 -37.13
CA GLN A 4 -23.38 36.47 -36.92
C GLN A 4 -23.30 36.07 -35.44
N ILE A 5 -23.79 34.87 -35.14
CA ILE A 5 -23.42 34.21 -33.90
C ILE A 5 -22.82 32.83 -34.24
N CYS A 6 -21.75 32.48 -33.54
CA CYS A 6 -21.04 31.22 -33.76
C CYS A 6 -20.98 30.41 -32.47
N ILE A 7 -21.12 29.10 -32.59
CA ILE A 7 -20.96 28.18 -31.47
C ILE A 7 -19.56 27.59 -31.58
N GLY A 8 -18.85 27.51 -30.46
CA GLY A 8 -17.53 26.94 -30.44
C GLY A 8 -17.12 26.42 -29.07
N TYR A 9 -15.85 26.05 -28.96
CA TYR A 9 -15.31 25.39 -27.79
C TYR A 9 -13.90 25.87 -27.49
N HIS A 10 -13.53 25.75 -26.21
CA HIS A 10 -12.21 26.06 -25.62
C HIS A 10 -11.01 25.38 -26.28
N ALA A 11 -9.95 26.16 -26.47
CA ALA A 11 -8.64 25.61 -26.79
C ALA A 11 -7.61 26.37 -25.98
N ASN A 12 -6.53 25.69 -25.59
CA ASN A 12 -5.46 26.34 -24.83
C ASN A 12 -4.10 25.85 -25.31
N ASN A 13 -3.06 26.09 -24.53
CA ASN A 13 -1.71 25.69 -24.90
C ASN A 13 -1.30 24.35 -24.26
N SER A 14 -2.29 23.57 -23.83
CA SER A 14 -2.05 22.31 -23.15
C SER A 14 -1.48 21.27 -24.08
N THR A 15 -0.57 20.48 -23.51
CA THR A 15 0.14 19.41 -24.22
C THR A 15 -0.13 18.07 -23.54
N GLU A 16 -1.04 18.09 -22.57
CA GLU A 16 -1.50 16.88 -21.85
C GLU A 16 -2.02 15.80 -22.81
N LYS A 17 -1.54 14.57 -22.62
CA LYS A 17 -1.93 13.44 -23.47
C LYS A 17 -2.78 12.46 -22.70
N VAL A 18 -3.76 11.87 -23.38
CA VAL A 18 -4.52 10.75 -22.85
C VAL A 18 -4.67 9.69 -23.92
N ASP A 19 -4.93 8.46 -23.50
CA ASP A 19 -5.28 7.38 -24.41
C ASP A 19 -6.78 7.10 -24.31
N THR A 20 -7.35 6.61 -25.40
CA THR A 20 -8.74 6.21 -25.44
C THR A 20 -8.74 4.83 -26.09
N ILE A 21 -9.93 4.32 -26.40
CA ILE A 21 -10.07 3.02 -27.08
C ILE A 21 -9.69 3.11 -28.57
N LEU A 22 -10.25 4.09 -29.26
CA LEU A 22 -10.06 4.26 -30.70
C LEU A 22 -8.74 4.94 -31.09
N GLU A 23 -8.07 5.58 -30.14
CA GLU A 23 -6.96 6.46 -30.46
C GLU A 23 -6.05 6.71 -29.25
N ARG A 24 -4.75 6.57 -29.46
CA ARG A 24 -3.77 6.82 -28.41
C ARG A 24 -3.11 8.18 -28.62
N ASN A 25 -2.58 8.79 -27.54
CA ASN A 25 -1.78 10.00 -27.65
C ASN A 25 -2.63 11.23 -28.04
N VAL A 26 -3.74 11.40 -27.33
CA VAL A 26 -4.69 12.47 -27.62
C VAL A 26 -4.43 13.67 -26.72
N THR A 27 -4.25 14.84 -27.35
CA THR A 27 -4.09 16.10 -26.62
C THR A 27 -5.44 16.66 -26.18
N VAL A 28 -5.52 17.02 -24.90
CA VAL A 28 -6.74 17.48 -24.28
C VAL A 28 -6.49 18.78 -23.53
N THR A 29 -7.53 19.58 -23.37
CA THR A 29 -7.38 20.91 -22.75
C THR A 29 -7.03 20.81 -21.27
N HIS A 30 -7.59 19.79 -20.61
CA HIS A 30 -7.38 19.52 -19.18
C HIS A 30 -7.37 18.01 -18.94
N ALA A 31 -6.60 17.58 -17.97
CA ALA A 31 -6.39 16.16 -17.66
C ALA A 31 -6.04 16.00 -16.18
N LYS A 32 -6.37 14.83 -15.63
CA LYS A 32 -6.09 14.51 -14.23
C LYS A 32 -5.32 13.21 -14.14
N ASP A 33 -4.02 13.32 -13.88
CA ASP A 33 -3.16 12.21 -13.52
C ASP A 33 -3.59 11.65 -12.17
N ILE A 34 -3.96 10.36 -12.16
CA ILE A 34 -4.42 9.70 -10.94
C ILE A 34 -3.41 8.67 -10.35
N LEU A 35 -2.21 8.61 -10.92
CA LEU A 35 -1.16 7.71 -10.48
C LEU A 35 0.03 8.42 -9.77
N GLU A 36 0.23 8.13 -8.49
CA GLU A 36 1.40 8.63 -7.75
C GLU A 36 2.64 7.80 -8.11
N LYS A 37 3.72 8.45 -8.51
CA LYS A 37 4.88 7.71 -8.99
C LYS A 37 6.13 8.03 -8.17
N THR A 38 6.01 8.91 -7.18
CA THR A 38 7.18 9.37 -6.44
C THR A 38 7.12 9.09 -4.94
N HIS A 39 8.28 8.94 -4.34
CA HIS A 39 8.41 8.69 -2.91
C HIS A 39 9.63 9.50 -2.44
N ASN A 40 9.83 9.64 -1.12
CA ASN A 40 10.93 10.46 -0.57
C ASN A 40 12.27 9.74 -0.40
N GLY A 41 12.30 8.46 -0.72
CA GLY A 41 13.50 7.62 -0.59
C GLY A 41 13.91 7.31 0.84
N LYS A 42 13.06 7.64 1.82
CA LYS A 42 13.41 7.49 3.24
C LYS A 42 12.51 6.53 3.97
N LEU A 43 13.08 5.85 4.97
CA LEU A 43 12.30 5.15 5.96
C LEU A 43 11.92 6.13 7.07
N CYS A 44 10.64 6.15 7.42
CA CYS A 44 10.11 7.21 8.29
C CYS A 44 9.29 6.64 9.46
N LYS A 45 9.06 7.50 10.44
CA LYS A 45 8.01 7.26 11.43
C LYS A 45 6.68 7.17 10.70
N LEU A 46 5.79 6.32 11.20
CA LEU A 46 4.45 6.18 10.68
C LEU A 46 3.50 6.74 11.74
N ASN A 47 2.90 7.89 11.42
CA ASN A 47 2.05 8.69 12.34
C ASN A 47 2.72 9.07 13.64
N GLY A 48 3.99 9.42 13.57
CA GLY A 48 4.74 9.79 14.75
C GLY A 48 5.29 8.63 15.57
N ILE A 49 4.98 7.39 15.16
CA ILE A 49 5.48 6.20 15.86
C ILE A 49 6.64 5.58 15.07
N PRO A 50 7.85 5.53 15.65
CA PRO A 50 8.99 4.98 14.90
C PRO A 50 8.89 3.48 14.70
N PRO A 51 9.49 2.98 13.61
CA PRO A 51 9.56 1.53 13.46
C PRO A 51 10.57 0.95 14.47
N LEU A 52 10.51 -0.36 14.66
CA LEU A 52 11.56 -1.08 15.34
C LEU A 52 12.65 -1.45 14.32
N GLU A 53 13.83 -0.85 14.49
CA GLU A 53 14.93 -1.12 13.59
C GLU A 53 15.80 -2.25 14.16
N LEU A 54 15.68 -3.44 13.58
CA LEU A 54 16.48 -4.59 14.04
C LEU A 54 17.99 -4.49 13.81
N GLY A 55 18.41 -3.61 12.91
CA GLY A 55 19.84 -3.48 12.61
C GLY A 55 20.34 -4.76 11.94
N ASP A 56 21.40 -5.34 12.48
CA ASP A 56 21.90 -6.63 11.98
C ASP A 56 21.23 -7.87 12.61
N CYS A 57 20.23 -7.65 13.45
CA CYS A 57 19.54 -8.75 14.15
C CYS A 57 18.37 -9.33 13.37
N SER A 58 18.10 -10.61 13.59
CA SER A 58 16.89 -11.23 13.10
C SER A 58 15.84 -11.17 14.21
N ILE A 59 14.59 -11.48 13.86
CA ILE A 59 13.51 -11.61 14.82
C ILE A 59 13.90 -12.60 15.91
N ALA A 60 14.43 -13.76 15.49
CA ALA A 60 14.93 -14.78 16.45
C ALA A 60 16.05 -14.25 17.37
N GLY A 61 17.02 -13.54 16.81
CA GLY A 61 18.11 -12.93 17.59
C GLY A 61 17.62 -11.97 18.65
N TRP A 62 16.66 -11.14 18.28
CA TRP A 62 15.94 -10.27 19.19
C TRP A 62 15.22 -11.03 20.33
N LEU A 63 14.37 -11.99 19.98
CA LEU A 63 13.50 -12.60 21.00
C LEU A 63 14.27 -13.54 21.93
N LEU A 64 15.27 -14.23 21.38
CA LEU A 64 16.15 -15.07 22.19
C LEU A 64 17.11 -14.25 23.04
N GLY A 65 17.45 -13.05 22.59
CA GLY A 65 18.44 -12.21 23.28
C GLY A 65 19.87 -12.55 22.92
N ASN A 66 20.13 -12.67 21.61
CA ASN A 66 21.48 -12.83 21.09
C ASN A 66 22.26 -11.65 21.65
N PRO A 67 23.41 -11.89 22.31
CA PRO A 67 24.15 -10.79 22.97
C PRO A 67 24.58 -9.65 22.04
N GLU A 68 24.61 -9.91 20.73
CA GLU A 68 24.94 -8.86 19.74
C GLU A 68 23.75 -7.91 19.54
N CYS A 69 22.60 -8.29 20.11
CA CYS A 69 21.33 -7.59 19.94
C CYS A 69 20.86 -6.87 21.23
N ASP A 70 21.78 -6.65 22.17
CA ASP A 70 21.46 -6.05 23.50
C ASP A 70 20.71 -4.70 23.53
N ARG A 71 20.92 -3.85 22.52
CA ARG A 71 20.13 -2.65 22.36
C ARG A 71 18.61 -2.94 22.30
N LEU A 72 18.26 -4.19 22.01
CA LEU A 72 16.84 -4.57 21.84
C LEU A 72 16.25 -5.26 23.06
N LEU A 73 16.98 -5.25 24.18
CA LEU A 73 16.53 -5.92 25.39
C LEU A 73 15.23 -5.34 25.95
N SER A 74 15.06 -4.03 25.83
CA SER A 74 13.80 -3.39 26.16
C SER A 74 13.45 -2.42 25.02
N VAL A 75 12.36 -2.67 24.31
CA VAL A 75 12.01 -1.76 23.18
C VAL A 75 10.62 -1.11 23.34
N PRO A 76 10.49 0.16 22.93
CA PRO A 76 9.16 0.79 22.99
C PRO A 76 8.22 0.34 21.86
N GLU A 77 6.97 0.78 21.92
CA GLU A 77 5.98 0.49 20.90
C GLU A 77 6.49 0.90 19.50
N TRP A 78 6.19 0.09 18.51
CA TRP A 78 6.62 0.36 17.13
C TRP A 78 5.41 0.43 16.17
N SER A 79 5.64 1.02 14.99
CA SER A 79 4.66 1.06 13.90
C SER A 79 4.89 -0.02 12.84
N TYR A 80 6.14 -0.42 12.66
CA TYR A 80 6.51 -1.53 11.81
C TYR A 80 7.91 -2.01 12.21
N ILE A 81 8.31 -3.16 11.70
CA ILE A 81 9.62 -3.72 12.04
C ILE A 81 10.48 -3.72 10.78
N MET A 82 11.69 -3.17 10.86
CA MET A 82 12.64 -3.24 9.74
C MET A 82 13.60 -4.38 9.97
N GLU A 83 13.67 -5.30 9.01
CA GLU A 83 14.63 -6.38 9.10
C GLU A 83 15.41 -6.48 7.79
N LYS A 84 16.69 -6.81 7.90
CA LYS A 84 17.51 -7.04 6.71
C LYS A 84 17.23 -8.39 6.07
N GLU A 85 17.50 -8.47 4.77
CA GLU A 85 17.27 -9.69 3.99
C GLU A 85 17.96 -10.89 4.63
N ASN A 86 19.24 -10.71 4.98
CA ASN A 86 20.06 -11.74 5.62
C ASN A 86 20.77 -11.24 6.89
N PRO A 87 20.03 -11.06 8.01
CA PRO A 87 20.67 -10.53 9.20
C PRO A 87 21.76 -11.47 9.73
N ARG A 88 22.88 -10.88 10.16
CA ARG A 88 24.03 -11.60 10.67
C ARG A 88 23.76 -12.26 12.04
N ASP A 89 23.01 -11.56 12.89
CA ASP A 89 22.85 -11.94 14.28
C ASP A 89 21.48 -12.58 14.56
N GLY A 90 21.44 -13.91 14.44
CA GLY A 90 20.25 -14.69 14.73
C GLY A 90 20.61 -15.73 15.78
N LEU A 91 20.62 -16.99 15.37
CA LEU A 91 21.01 -18.09 16.24
C LEU A 91 22.54 -18.17 16.30
N CYS A 92 23.14 -17.52 17.30
CA CYS A 92 24.59 -17.56 17.48
C CYS A 92 25.07 -18.98 17.88
N TYR A 93 24.41 -19.60 18.86
CA TYR A 93 24.49 -21.04 18.97
C TYR A 93 23.58 -21.60 17.86
N PRO A 94 24.15 -22.41 16.94
CA PRO A 94 23.41 -22.81 15.75
C PRO A 94 22.22 -23.72 16.04
N GLY A 95 21.22 -23.71 15.15
CA GLY A 95 20.10 -24.64 15.27
C GLY A 95 18.94 -24.22 14.40
N SER A 96 17.74 -24.35 14.92
CA SER A 96 16.56 -24.04 14.15
C SER A 96 15.47 -23.44 15.06
N PHE A 97 14.43 -22.91 14.43
CA PHE A 97 13.36 -22.27 15.12
C PHE A 97 12.09 -22.79 14.47
N ASN A 98 11.43 -23.71 15.15
CA ASN A 98 10.21 -24.29 14.68
C ASN A 98 9.13 -23.24 14.48
N ASP A 99 8.42 -23.33 13.35
CA ASP A 99 7.32 -22.43 13.02
C ASP A 99 7.73 -20.99 13.08
N TYR A 100 8.93 -20.71 12.57
CA TYR A 100 9.50 -19.37 12.59
C TYR A 100 8.68 -18.40 11.76
N GLU A 101 8.29 -18.80 10.55
CA GLU A 101 7.44 -17.92 9.71
C GLU A 101 6.12 -17.59 10.35
N GLU A 102 5.51 -18.57 11.05
CA GLU A 102 4.26 -18.35 11.75
C GLU A 102 4.44 -17.33 12.87
N LEU A 103 5.60 -17.36 13.54
CA LEU A 103 5.95 -16.36 14.55
C LEU A 103 6.06 -14.96 13.94
N LYS A 104 6.82 -14.84 12.84
CA LYS A 104 6.90 -13.58 12.10
C LYS A 104 5.52 -13.05 11.67
N HIS A 105 4.63 -13.95 11.25
CA HIS A 105 3.26 -13.54 10.88
C HIS A 105 2.49 -12.94 12.07
N LEU A 106 2.63 -13.57 13.24
CA LEU A 106 2.04 -13.07 14.47
C LEU A 106 2.46 -11.61 14.74
N LEU A 107 3.72 -11.33 14.55
CA LEU A 107 4.27 -9.99 14.72
C LEU A 107 3.60 -8.87 13.91
N SER A 108 3.03 -9.19 12.76
CA SER A 108 2.35 -8.20 11.92
C SER A 108 1.03 -7.68 12.51
N SER A 109 0.60 -8.30 13.60
CA SER A 109 -0.56 -7.77 14.32
C SER A 109 -0.18 -7.29 15.73
N VAL A 110 1.11 -7.23 16.03
CA VAL A 110 1.62 -6.87 17.37
C VAL A 110 2.44 -5.59 17.24
N LYS A 111 2.22 -4.63 18.14
CA LYS A 111 2.87 -3.32 18.09
C LYS A 111 3.72 -3.06 19.34
N HIS A 112 3.57 -3.91 20.36
CA HIS A 112 4.40 -3.78 21.53
C HIS A 112 4.35 -5.05 22.37
N PHE A 113 5.48 -5.39 22.99
CA PHE A 113 5.56 -6.41 24.05
C PHE A 113 5.95 -5.81 25.39
N GLU A 114 5.56 -6.48 26.48
CA GLU A 114 6.17 -6.26 27.78
C GLU A 114 6.87 -7.56 28.11
N LYS A 115 8.19 -7.47 28.33
CA LYS A 115 8.95 -8.66 28.63
C LYS A 115 8.77 -8.90 30.11
N VAL A 116 8.37 -10.10 30.48
CA VAL A 116 8.02 -10.44 31.86
C VAL A 116 8.96 -11.56 32.29
N LYS A 117 9.59 -11.42 33.45
CA LYS A 117 10.43 -12.50 34.02
C LYS A 117 9.55 -13.61 34.61
N ILE A 118 9.26 -14.61 33.79
CA ILE A 118 8.30 -15.63 34.20
C ILE A 118 8.97 -16.76 34.99
N LEU A 119 10.24 -17.05 34.71
CA LEU A 119 10.91 -18.16 35.39
C LEU A 119 12.28 -17.76 35.91
N PRO A 120 12.34 -16.92 36.97
CA PRO A 120 13.63 -16.36 37.43
C PRO A 120 14.68 -17.44 37.54
N LYS A 121 15.85 -17.17 36.96
CA LYS A 121 17.01 -18.06 36.93
C LYS A 121 17.43 -18.57 38.32
N ASP A 122 17.44 -17.66 39.30
CA ASP A 122 17.83 -17.97 40.68
C ASP A 122 17.04 -19.13 41.29
N ARG A 123 15.87 -19.43 40.72
CA ARG A 123 15.00 -20.48 41.25
C ARG A 123 15.41 -21.91 40.85
N TRP A 124 16.34 -22.03 39.90
CA TRP A 124 16.88 -23.34 39.53
C TRP A 124 18.00 -23.72 40.50
N THR A 125 17.61 -24.08 41.72
CA THR A 125 18.59 -24.30 42.80
C THR A 125 19.34 -25.64 42.71
N GLN A 126 18.82 -26.58 41.92
CA GLN A 126 19.39 -27.93 41.77
C GLN A 126 20.23 -28.11 40.50
N HIS A 127 20.30 -27.08 39.66
CA HIS A 127 21.01 -27.14 38.38
C HIS A 127 21.91 -25.92 38.23
N THR A 128 22.95 -26.05 37.42
CA THR A 128 23.80 -24.92 37.03
C THR A 128 23.09 -24.14 35.91
N THR A 129 23.21 -22.83 35.95
CA THR A 129 22.49 -21.93 35.05
C THR A 129 23.42 -20.93 34.38
N THR A 130 24.71 -21.05 34.67
CA THR A 130 25.72 -20.09 34.22
C THR A 130 26.33 -20.44 32.86
N GLY A 131 26.05 -21.66 32.39
CA GLY A 131 26.59 -22.18 31.14
C GLY A 131 26.33 -21.34 29.89
N GLY A 132 27.41 -21.17 29.12
CA GLY A 132 27.35 -20.54 27.82
C GLY A 132 28.23 -21.21 26.78
N SER A 133 28.50 -20.49 25.69
CA SER A 133 29.22 -21.04 24.58
C SER A 133 30.06 -19.94 23.96
N ARG A 134 31.19 -20.36 23.42
CA ARG A 134 32.01 -19.48 22.62
C ARG A 134 31.32 -19.06 21.34
N ALA A 135 30.30 -19.81 20.95
CA ALA A 135 29.47 -19.42 19.82
C ALA A 135 28.72 -18.11 20.11
N CYS A 136 28.41 -17.86 21.39
CA CYS A 136 27.74 -16.62 21.83
C CYS A 136 28.68 -15.81 22.72
N ALA A 137 29.97 -15.81 22.40
CA ALA A 137 30.99 -15.15 23.21
C ALA A 137 30.78 -13.65 23.35
N VAL A 138 31.06 -13.12 24.53
CA VAL A 138 30.99 -11.67 24.80
C VAL A 138 32.29 -11.28 25.48
N SER A 139 33.01 -10.34 24.89
CA SER A 139 34.31 -9.91 25.40
C SER A 139 35.27 -11.11 25.58
N GLY A 140 35.34 -11.94 24.55
CA GLY A 140 36.21 -13.13 24.52
C GLY A 140 35.87 -14.24 25.48
N ASN A 141 34.69 -14.17 26.11
CA ASN A 141 34.27 -15.21 27.04
C ASN A 141 32.95 -15.87 26.65
N PRO A 142 32.82 -17.19 26.92
CA PRO A 142 31.57 -17.91 26.75
C PRO A 142 30.38 -17.14 27.34
N SER A 143 29.35 -16.95 26.52
CA SER A 143 28.12 -16.36 27.03
C SER A 143 26.92 -17.12 26.43
N PHE A 144 25.73 -16.51 26.45
CA PHE A 144 24.52 -17.17 26.00
C PHE A 144 23.40 -16.15 25.73
N PHE A 145 22.43 -16.58 24.92
CA PHE A 145 21.16 -15.86 24.75
C PHE A 145 20.66 -15.24 26.09
N ARG A 146 20.39 -13.95 26.11
CA ARG A 146 19.99 -13.25 27.37
C ARG A 146 18.65 -13.70 27.95
N ASN A 147 17.74 -14.15 27.10
CA ASN A 147 16.38 -14.47 27.53
C ASN A 147 16.25 -15.93 27.90
N MET A 148 17.34 -16.68 27.70
CA MET A 148 17.30 -18.11 27.89
C MET A 148 18.23 -18.59 28.98
N VAL A 149 17.92 -19.78 29.51
CA VAL A 149 18.72 -20.39 30.54
C VAL A 149 19.18 -21.77 30.08
N TRP A 150 20.48 -21.98 30.11
CA TRP A 150 21.09 -23.27 29.77
C TRP A 150 21.24 -24.06 31.07
N LEU A 151 20.36 -25.05 31.29
CA LEU A 151 20.44 -25.86 32.51
C LEU A 151 21.48 -26.94 32.30
N THR A 152 22.43 -27.03 33.23
CA THR A 152 23.41 -28.10 33.16
C THR A 152 23.55 -28.77 34.53
N GLU A 153 24.26 -29.90 34.55
CA GLU A 153 24.63 -30.66 35.73
C GLU A 153 25.15 -29.80 36.88
N LYS A 154 24.78 -30.13 38.11
CA LYS A 154 25.37 -29.53 39.31
C LYS A 154 25.76 -30.60 40.34
N GLY A 155 27.03 -30.59 40.75
CA GLY A 155 27.58 -31.62 41.64
C GLY A 155 27.53 -33.02 41.02
N SER A 156 27.79 -33.06 39.72
CA SER A 156 27.67 -34.28 38.89
C SER A 156 26.27 -34.87 38.92
N ASN A 157 25.30 -34.00 39.19
CA ASN A 157 23.90 -34.37 39.16
C ASN A 157 23.01 -33.47 38.30
N TYR A 158 22.08 -34.10 37.58
CA TYR A 158 20.99 -33.38 36.94
C TYR A 158 19.71 -34.08 37.34
N PRO A 159 19.09 -33.66 38.47
CA PRO A 159 17.76 -34.14 38.83
C PRO A 159 16.70 -33.61 37.88
N VAL A 160 15.53 -34.26 37.90
CA VAL A 160 14.43 -33.84 37.06
C VAL A 160 14.22 -32.32 37.23
N ALA A 161 14.17 -31.62 36.11
CA ALA A 161 14.05 -30.16 36.09
C ALA A 161 12.60 -29.83 35.77
N LYS A 162 11.95 -29.16 36.71
CA LYS A 162 10.53 -28.81 36.60
C LYS A 162 10.32 -27.32 36.88
N GLY A 163 9.63 -26.64 35.97
CA GLY A 163 9.26 -25.24 36.13
C GLY A 163 7.85 -25.04 35.60
N SER A 164 7.12 -24.09 36.19
CA SER A 164 5.73 -23.88 35.87
C SER A 164 5.40 -22.39 35.92
N TYR A 165 4.61 -21.90 34.97
CA TYR A 165 4.14 -20.51 34.98
C TYR A 165 2.68 -20.40 34.58
N ASN A 166 1.91 -19.74 35.45
CA ASN A 166 0.53 -19.41 35.20
C ASN A 166 0.41 -18.00 34.59
N ASN A 167 -0.09 -17.91 33.36
CA ASN A 167 -0.25 -16.61 32.73
C ASN A 167 -1.31 -15.72 33.38
N THR A 168 -0.88 -14.96 34.37
CA THR A 168 -1.78 -14.05 35.08
C THR A 168 -1.52 -12.61 34.61
N SER A 169 -0.78 -12.46 33.52
CA SER A 169 -0.34 -11.13 33.03
C SER A 169 -1.48 -10.25 32.48
N GLY A 170 -2.60 -10.85 32.11
CA GLY A 170 -3.69 -10.10 31.52
C GLY A 170 -3.75 -10.16 29.99
N GLU A 171 -2.74 -10.74 29.35
CA GLU A 171 -2.76 -10.91 27.90
C GLU A 171 -2.11 -12.20 27.45
N GLN A 172 -2.29 -12.54 26.19
CA GLN A 172 -1.58 -13.68 25.63
C GLN A 172 -0.09 -13.43 25.71
N MET A 173 0.65 -14.51 25.96
CA MET A 173 2.07 -14.39 26.17
C MET A 173 2.90 -15.35 25.32
N LEU A 174 3.77 -14.77 24.49
CA LEU A 174 4.74 -15.50 23.72
C LEU A 174 5.83 -16.07 24.64
N ILE A 175 6.03 -17.38 24.58
CA ILE A 175 7.10 -18.06 25.31
C ILE A 175 7.90 -18.97 24.37
N ILE A 176 9.20 -18.96 24.53
CA ILE A 176 10.11 -19.72 23.69
C ILE A 176 10.93 -20.65 24.58
N TRP A 177 11.21 -21.86 24.09
CA TRP A 177 12.10 -22.80 24.79
C TRP A 177 12.90 -23.58 23.75
N GLY A 178 13.91 -24.31 24.19
CA GLY A 178 14.75 -25.02 23.25
C GLY A 178 15.19 -26.36 23.75
N VAL A 179 15.67 -27.18 22.84
CA VAL A 179 16.27 -28.46 23.19
C VAL A 179 17.67 -28.49 22.60
N HIS A 180 18.65 -28.86 23.42
CA HIS A 180 20.01 -29.04 22.94
C HIS A 180 20.24 -30.46 22.38
N HIS A 181 20.62 -30.51 21.10
CA HIS A 181 21.07 -31.70 20.41
C HIS A 181 22.60 -31.66 20.31
N PRO A 182 23.30 -32.40 21.18
CA PRO A 182 24.78 -32.39 21.21
C PRO A 182 25.45 -33.08 20.02
N ASN A 183 26.73 -32.80 19.87
CA ASN A 183 27.56 -33.36 18.81
C ASN A 183 27.97 -34.80 19.16
N ASP A 184 28.20 -35.07 20.44
CA ASP A 184 28.76 -36.35 20.89
C ASP A 184 28.37 -36.68 22.34
N GLU A 185 28.68 -37.91 22.76
CA GLU A 185 28.35 -38.39 24.11
C GLU A 185 29.15 -37.70 25.22
N THR A 186 30.38 -37.31 24.91
CA THR A 186 31.20 -36.58 25.89
C THR A 186 30.52 -35.25 26.23
N GLU A 187 29.97 -34.59 25.21
CA GLU A 187 29.17 -33.38 25.41
C GLU A 187 27.88 -33.65 26.23
N GLN A 188 27.21 -34.75 25.93
CA GLN A 188 26.02 -35.14 26.67
C GLN A 188 26.29 -35.37 28.18
N ARG A 189 27.36 -36.13 28.47
CA ARG A 189 27.66 -36.49 29.84
C ARG A 189 28.19 -35.31 30.65
N THR A 190 29.05 -34.51 30.05
CA THR A 190 29.70 -33.43 30.80
C THR A 190 28.72 -32.29 31.09
N LEU A 191 27.78 -32.06 30.19
CA LEU A 191 26.75 -31.05 30.42
C LEU A 191 25.60 -31.54 31.32
N TYR A 192 25.08 -32.74 31.05
CA TYR A 192 23.81 -33.20 31.65
C TYR A 192 23.88 -34.45 32.55
N GLN A 193 25.05 -35.11 32.57
CA GLN A 193 25.26 -36.41 33.28
C GLN A 193 24.40 -37.58 32.81
N ASN A 194 23.10 -37.35 32.67
CA ASN A 194 22.15 -38.36 32.23
C ASN A 194 22.25 -38.66 30.74
N VAL A 195 21.92 -39.89 30.38
CA VAL A 195 21.81 -40.29 28.98
C VAL A 195 20.41 -40.82 28.72
N GLY A 196 19.90 -40.66 27.51
CA GLY A 196 18.51 -41.01 27.23
C GLY A 196 17.58 -40.06 27.98
N THR A 197 17.73 -38.77 27.71
CA THR A 197 16.95 -37.71 28.36
C THR A 197 15.77 -37.27 27.49
N TYR A 198 14.97 -36.33 28.01
CA TYR A 198 13.86 -35.72 27.25
C TYR A 198 13.54 -34.29 27.74
N VAL A 199 12.88 -33.54 26.87
CA VAL A 199 12.32 -32.25 27.24
C VAL A 199 10.82 -32.34 26.99
N SER A 200 10.03 -31.93 27.98
CA SER A 200 8.59 -32.00 27.90
C SER A 200 7.93 -30.65 28.20
N VAL A 201 7.07 -30.18 27.27
CA VAL A 201 6.31 -28.95 27.46
C VAL A 201 4.81 -29.23 27.33
N GLY A 202 4.05 -28.70 28.27
CA GLY A 202 2.63 -28.92 28.35
C GLY A 202 1.90 -27.70 28.83
N THR A 203 0.88 -27.33 28.07
CA THR A 203 -0.13 -26.42 28.55
C THR A 203 -1.47 -27.21 28.49
N SER A 204 -2.59 -26.50 28.62
CA SER A 204 -3.92 -27.09 28.48
C SER A 204 -4.15 -27.64 27.05
N THR A 205 -3.48 -27.04 26.06
CA THR A 205 -3.63 -27.39 24.63
C THR A 205 -2.36 -27.92 23.95
N LEU A 206 -1.19 -27.60 24.47
CA LEU A 206 0.04 -28.06 23.85
C LEU A 206 0.60 -29.20 24.69
N ASN A 207 1.07 -30.23 23.99
CA ASN A 207 1.74 -31.35 24.61
C ASN A 207 2.88 -31.66 23.66
N LYS A 208 4.07 -31.22 24.01
CA LYS A 208 5.20 -31.35 23.10
C LYS A 208 6.40 -31.95 23.78
N ARG A 209 6.91 -33.03 23.20
CA ARG A 209 8.12 -33.64 23.73
C ARG A 209 9.23 -33.82 22.70
N SER A 210 10.47 -33.63 23.18
CA SER A 210 11.66 -33.90 22.40
C SER A 210 12.63 -34.80 23.17
N THR A 211 13.17 -35.79 22.48
CA THR A 211 14.36 -36.51 22.93
C THR A 211 15.56 -35.94 22.13
N PRO A 212 16.62 -35.52 22.83
CA PRO A 212 17.80 -34.93 22.17
C PRO A 212 18.52 -35.88 21.22
N GLU A 213 19.19 -35.32 20.23
CA GLU A 213 19.82 -36.11 19.18
C GLU A 213 21.31 -35.87 19.12
N ILE A 214 22.09 -36.89 19.46
CA ILE A 214 23.52 -36.82 19.42
C ILE A 214 24.00 -37.30 18.07
N ALA A 215 24.58 -36.38 17.30
CA ALA A 215 25.05 -36.66 15.95
C ALA A 215 26.14 -35.68 15.56
N THR A 216 27.14 -36.20 14.85
CA THR A 216 28.17 -35.42 14.17
C THR A 216 27.60 -34.59 13.00
N ARG A 217 27.76 -33.27 13.09
CA ARG A 217 27.23 -32.33 12.12
C ARG A 217 28.34 -31.36 11.71
N PRO A 218 28.23 -30.74 10.50
CA PRO A 218 29.21 -29.70 10.16
C PRO A 218 29.20 -28.55 11.19
N LYS A 219 30.40 -28.08 11.57
CA LYS A 219 30.47 -26.94 12.50
C LYS A 219 29.85 -25.66 11.90
N VAL A 220 28.89 -25.09 12.63
CA VAL A 220 28.35 -23.75 12.34
C VAL A 220 28.70 -22.89 13.56
N ASN A 221 29.34 -21.75 13.32
CA ASN A 221 29.93 -20.91 14.37
C ASN A 221 30.79 -21.67 15.35
N GLY A 222 31.50 -22.69 14.88
CA GLY A 222 32.38 -23.49 15.73
C GLY A 222 31.71 -24.67 16.45
N GLN A 223 30.41 -24.87 16.23
CA GLN A 223 29.64 -25.88 16.98
C GLN A 223 29.03 -26.98 16.12
N GLY A 224 29.30 -28.23 16.48
CA GLY A 224 28.63 -29.38 15.87
C GLY A 224 27.23 -29.62 16.43
N GLY A 225 27.00 -29.18 17.67
CA GLY A 225 25.70 -29.30 18.33
C GLY A 225 24.69 -28.31 17.78
N ARG A 226 23.43 -28.49 18.14
CA ARG A 226 22.37 -27.62 17.65
C ARG A 226 21.35 -27.38 18.76
N MET A 227 20.75 -26.20 18.73
CA MET A 227 19.62 -25.90 19.59
C MET A 227 18.38 -25.65 18.75
N GLU A 228 17.37 -26.47 19.01
CA GLU A 228 16.09 -26.42 18.34
C GLU A 228 15.11 -25.70 19.25
N PHE A 229 14.64 -24.55 18.79
CA PHE A 229 13.73 -23.73 19.56
C PHE A 229 12.31 -23.89 19.06
N SER A 230 11.37 -23.85 20.00
CA SER A 230 9.95 -23.82 19.70
C SER A 230 9.32 -22.68 20.46
N TRP A 231 8.07 -22.35 20.13
CA TRP A 231 7.34 -21.31 20.81
C TRP A 231 5.85 -21.66 20.92
N THR A 232 5.18 -20.95 21.83
CA THR A 232 3.74 -20.99 21.96
C THR A 232 3.23 -19.62 22.41
N LEU A 233 1.95 -19.37 22.14
CA LEU A 233 1.26 -18.23 22.70
C LEU A 233 0.39 -18.76 23.83
N LEU A 234 0.83 -18.55 25.07
CA LEU A 234 0.14 -19.04 26.25
C LEU A 234 -1.06 -18.14 26.53
N ASP A 235 -2.25 -18.76 26.61
CA ASP A 235 -3.46 -18.00 26.88
C ASP A 235 -3.47 -17.46 28.31
N MET A 236 -4.19 -16.35 28.50
CA MET A 236 -4.49 -15.85 29.85
C MET A 236 -5.06 -16.96 30.72
N TRP A 237 -4.52 -17.06 31.93
CA TRP A 237 -4.93 -18.00 32.98
C TRP A 237 -4.56 -19.45 32.69
N ASP A 238 -3.93 -19.71 31.53
CA ASP A 238 -3.35 -21.02 31.26
C ASP A 238 -1.95 -21.10 31.87
N THR A 239 -1.56 -22.32 32.25
CA THR A 239 -0.27 -22.65 32.81
C THR A 239 0.61 -23.40 31.81
N ILE A 240 1.89 -23.02 31.72
CA ILE A 240 2.87 -23.79 30.98
C ILE A 240 3.72 -24.58 31.98
N ASN A 241 3.98 -25.86 31.68
CA ASN A 241 4.80 -26.72 32.53
C ASN A 241 6.01 -27.26 31.75
N PHE A 242 7.22 -27.13 32.31
CA PHE A 242 8.42 -27.66 31.67
C PHE A 242 8.89 -28.84 32.51
N GLU A 243 9.45 -29.85 31.84
CA GLU A 243 9.95 -31.00 32.56
C GLU A 243 11.10 -31.65 31.77
N SER A 244 12.23 -31.87 32.43
CA SER A 244 13.40 -32.37 31.73
C SER A 244 14.37 -33.12 32.60
N THR A 245 14.89 -34.23 32.05
CA THR A 245 16.05 -34.93 32.63
C THR A 245 17.38 -34.51 31.98
N GLY A 246 17.29 -33.51 31.10
CA GLY A 246 18.45 -32.94 30.44
C GLY A 246 18.15 -32.36 29.09
N ASN A 247 19.00 -31.42 28.69
CA ASN A 247 18.99 -30.83 27.35
C ASN A 247 18.03 -29.67 27.15
N LEU A 248 17.35 -29.28 28.23
CA LEU A 248 16.40 -28.17 28.19
C LEU A 248 17.07 -26.80 28.18
N ILE A 249 16.66 -25.97 27.22
CA ILE A 249 16.99 -24.55 27.21
C ILE A 249 15.72 -23.84 27.64
N ALA A 250 15.68 -23.41 28.90
CA ALA A 250 14.46 -22.80 29.47
C ALA A 250 14.38 -21.32 29.17
N PRO A 251 13.16 -20.79 28.97
CA PRO A 251 13.02 -19.33 28.96
C PRO A 251 13.17 -18.80 30.39
N GLU A 252 13.72 -17.60 30.54
CA GLU A 252 13.60 -16.86 31.79
C GLU A 252 12.42 -15.90 31.68
N TYR A 253 12.09 -15.50 30.45
CA TYR A 253 11.08 -14.47 30.17
C TYR A 253 9.91 -14.97 29.32
N GLY A 254 8.87 -14.15 29.26
CA GLY A 254 7.75 -14.31 28.34
C GLY A 254 7.50 -12.93 27.79
N PHE A 255 6.97 -12.86 26.57
CA PHE A 255 6.63 -11.59 25.95
C PHE A 255 5.10 -11.43 25.91
N LYS A 256 4.58 -10.70 26.90
CA LYS A 256 3.17 -10.36 26.97
C LYS A 256 2.89 -9.38 25.82
N ILE A 257 1.91 -9.71 25.00
CA ILE A 257 1.46 -8.82 23.94
C ILE A 257 0.76 -7.64 24.60
N SER A 258 1.41 -6.48 24.60
CA SER A 258 0.88 -5.31 25.30
C SER A 258 0.15 -4.38 24.35
N LYS A 259 0.37 -4.55 23.04
CA LYS A 259 -0.34 -3.73 22.07
C LYS A 259 -0.55 -4.43 20.73
N ARG A 260 -1.79 -4.36 20.24
CA ARG A 260 -2.20 -5.07 19.03
C ARG A 260 -2.53 -4.07 17.93
N GLY A 261 -2.39 -4.48 16.68
CA GLY A 261 -2.80 -3.62 15.60
C GLY A 261 -2.11 -3.94 14.31
N SER A 262 -2.58 -3.29 13.25
CA SER A 262 -2.06 -3.46 11.90
C SER A 262 -0.62 -2.97 11.87
N SER A 263 0.28 -3.86 11.49
CA SER A 263 1.71 -3.58 11.53
C SER A 263 2.38 -4.29 10.36
N GLY A 264 3.64 -4.69 10.52
CA GLY A 264 4.28 -5.60 9.56
C GLY A 264 5.79 -5.57 9.64
N ILE A 265 6.45 -6.51 8.96
CA ILE A 265 7.91 -6.53 8.86
C ILE A 265 8.24 -6.09 7.46
N MET A 266 9.09 -5.09 7.37
CA MET A 266 9.55 -4.60 6.11
C MET A 266 11.00 -5.05 5.91
N LYS A 267 11.26 -5.73 4.80
CA LYS A 267 12.60 -6.14 4.38
C LYS A 267 13.35 -4.97 3.74
N THR A 268 14.42 -4.52 4.40
CA THR A 268 15.18 -3.33 3.98
C THR A 268 16.59 -3.35 4.60
N GLU A 269 17.56 -2.81 3.87
CA GLU A 269 18.93 -2.66 4.34
C GLU A 269 19.14 -1.25 4.86
N GLY A 270 18.12 -0.41 4.74
CA GLY A 270 18.22 1.02 5.06
C GLY A 270 18.04 1.30 6.54
N THR A 271 18.11 2.59 6.88
CA THR A 271 18.06 3.05 8.26
C THR A 271 16.99 4.15 8.47
N LEU A 272 16.42 4.22 9.68
CA LEU A 272 15.37 5.22 10.00
C LEU A 272 15.90 6.66 9.95
N GLU A 273 15.17 7.53 9.26
CA GLU A 273 15.50 8.94 9.23
C GLU A 273 14.47 9.79 9.98
N ASN A 274 14.87 11.01 10.33
CA ASN A 274 14.02 11.94 11.05
C ASN A 274 13.00 12.55 10.09
N CYS A 275 11.97 11.76 9.77
CA CYS A 275 10.91 12.14 8.85
C CYS A 275 9.61 11.47 9.30
N GLU A 276 8.50 12.06 8.89
CA GLU A 276 7.22 11.54 9.30
C GLU A 276 6.41 11.18 8.05
N THR A 277 5.55 10.15 8.12
CA THR A 277 4.70 9.73 6.99
C THR A 277 3.40 9.05 7.41
N LYS A 278 2.47 8.91 6.47
CA LYS A 278 1.22 8.16 6.68
C LYS A 278 1.22 6.88 5.87
N CYS A 279 2.13 6.78 4.90
CA CYS A 279 2.27 5.62 4.04
C CYS A 279 3.76 5.34 3.76
N GLN A 280 4.24 4.18 4.21
CA GLN A 280 5.63 3.76 4.02
C GLN A 280 5.77 2.57 3.08
N THR A 281 6.72 2.65 2.16
CA THR A 281 7.13 1.52 1.30
C THR A 281 8.62 1.21 1.53
N PRO A 282 9.08 0.01 1.17
CA PRO A 282 10.53 -0.32 1.20
C PRO A 282 11.45 0.60 0.38
N LEU A 283 10.92 1.35 -0.59
CA LEU A 283 11.73 2.29 -1.36
C LEU A 283 11.75 3.68 -0.73
N GLY A 284 10.79 3.97 0.15
CA GLY A 284 10.59 5.31 0.69
C GLY A 284 9.12 5.61 0.95
N ALA A 285 8.88 6.77 1.54
CA ALA A 285 7.57 7.14 2.01
C ALA A 285 6.76 7.87 0.92
N ILE A 286 5.44 7.66 0.93
CA ILE A 286 4.54 8.31 -0.01
C ILE A 286 3.71 9.37 0.69
N ASN A 287 3.57 10.53 0.06
CA ASN A 287 2.74 11.65 0.51
C ASN A 287 1.94 12.19 -0.68
N THR A 288 0.70 11.74 -0.79
CA THR A 288 -0.10 12.01 -1.98
C THR A 288 -1.58 12.00 -1.62
N THR A 289 -2.37 12.70 -2.43
CA THR A 289 -3.83 12.58 -2.36
C THR A 289 -4.41 11.70 -3.48
N LEU A 290 -3.54 11.32 -4.41
CA LEU A 290 -3.91 10.47 -5.54
C LEU A 290 -4.32 9.07 -5.11
N PRO A 291 -5.34 8.50 -5.78
CA PRO A 291 -5.92 7.20 -5.45
C PRO A 291 -5.07 5.96 -5.74
N PHE A 292 -4.18 6.04 -6.73
CA PHE A 292 -3.33 4.92 -7.14
C PHE A 292 -1.86 5.31 -6.98
N HIS A 293 -0.98 4.31 -6.90
CA HIS A 293 0.47 4.51 -6.91
C HIS A 293 1.12 3.32 -7.59
N ASN A 294 2.35 3.50 -8.08
CA ASN A 294 3.08 2.39 -8.69
C ASN A 294 4.45 2.17 -8.04
N VAL A 295 4.61 2.65 -6.80
CA VAL A 295 5.94 2.67 -6.16
C VAL A 295 6.43 1.26 -5.80
N HIS A 296 5.66 0.55 -4.97
CA HIS A 296 6.00 -0.78 -4.50
C HIS A 296 4.72 -1.44 -3.99
N PRO A 297 4.51 -2.74 -4.28
CA PRO A 297 3.28 -3.39 -3.79
C PRO A 297 3.20 -3.53 -2.26
N LEU A 298 4.35 -3.60 -1.58
CA LEU A 298 4.35 -3.83 -0.14
C LEU A 298 4.42 -2.56 0.67
N THR A 299 3.28 -2.07 1.11
CA THR A 299 3.22 -0.79 1.81
C THR A 299 2.61 -0.92 3.22
N ILE A 300 2.92 0.04 4.09
CA ILE A 300 2.33 0.05 5.42
C ILE A 300 1.76 1.42 5.74
N GLY A 301 0.53 1.43 6.27
CA GLY A 301 -0.17 2.64 6.67
C GLY A 301 -1.42 2.92 5.85
N GLU A 302 -1.81 4.18 5.81
CA GLU A 302 -2.95 4.61 4.98
C GLU A 302 -2.41 4.90 3.57
N CYS A 303 -2.51 3.89 2.70
CA CYS A 303 -1.87 3.95 1.39
C CYS A 303 -2.83 4.09 0.21
N PRO A 304 -2.33 4.63 -0.93
CA PRO A 304 -3.09 4.58 -2.17
C PRO A 304 -3.13 3.12 -2.59
N LYS A 305 -3.87 2.81 -3.64
CA LYS A 305 -3.93 1.44 -4.11
C LYS A 305 -2.84 1.20 -5.15
N TYR A 306 -2.16 0.06 -5.06
CA TYR A 306 -1.06 -0.25 -5.97
C TYR A 306 -1.50 -0.90 -7.30
N VAL A 307 -0.94 -0.40 -8.41
CA VAL A 307 -1.10 -1.00 -9.74
C VAL A 307 0.26 -1.03 -10.40
N LYS A 308 0.41 -1.91 -11.38
CA LYS A 308 1.64 -2.04 -12.15
C LYS A 308 1.84 -0.93 -13.21
N SER A 309 0.79 -0.16 -13.50
CA SER A 309 0.79 0.82 -14.59
C SER A 309 1.98 1.80 -14.58
N GLU A 310 2.43 2.20 -15.76
CA GLU A 310 3.39 3.31 -15.89
C GLU A 310 2.68 4.66 -15.89
N LYS A 311 1.41 4.65 -16.33
CA LYS A 311 0.59 5.87 -16.48
C LYS A 311 -0.92 5.61 -16.34
N LEU A 312 -1.59 6.52 -15.65
CA LEU A 312 -3.04 6.54 -15.51
C LEU A 312 -3.49 7.99 -15.51
N VAL A 313 -3.95 8.47 -16.67
CA VAL A 313 -4.39 9.87 -16.82
C VAL A 313 -5.81 9.90 -17.38
N LEU A 314 -6.71 10.54 -16.63
CA LEU A 314 -8.08 10.72 -17.04
C LEU A 314 -8.24 12.04 -17.75
N ALA A 315 -8.83 12.01 -18.94
CA ALA A 315 -9.27 13.22 -19.61
C ALA A 315 -10.35 13.84 -18.72
N THR A 316 -10.25 15.15 -18.50
CA THR A 316 -11.37 15.90 -17.91
C THR A 316 -11.89 16.93 -18.90
N GLY A 317 -10.98 17.61 -19.60
CA GLY A 317 -11.36 18.59 -20.61
C GLY A 317 -11.65 17.92 -21.94
N LEU A 318 -11.73 18.74 -23.00
CA LEU A 318 -12.04 18.23 -24.32
C LEU A 318 -10.77 18.13 -25.13
N ARG A 319 -10.91 17.54 -26.31
CA ARG A 319 -9.86 17.45 -27.29
C ARG A 319 -9.33 18.85 -27.62
N ASN A 320 -8.01 19.00 -27.56
CA ASN A 320 -7.38 20.29 -27.74
C ASN A 320 -7.04 20.49 -29.21
N VAL A 321 -7.86 21.29 -29.89
CA VAL A 321 -7.86 21.38 -31.36
C VAL A 321 -7.25 22.70 -31.86
N PRO A 322 -6.05 22.63 -32.50
CA PRO A 322 -5.34 23.71 -33.21
C PRO A 322 -6.23 24.82 -33.77
N GLN A 323 -5.83 26.08 -33.55
CA GLN A 323 -6.61 27.23 -34.00
C GLN A 323 -6.67 27.34 -35.53
N GLY B 1 -14.98 12.57 -34.13
CA GLY B 1 -15.74 12.35 -32.84
C GLY B 1 -17.12 11.84 -33.14
N LEU B 2 -17.70 11.14 -32.18
CA LEU B 2 -18.95 10.41 -32.36
C LEU B 2 -20.10 11.33 -32.74
N PHE B 3 -20.07 12.56 -32.24
CA PHE B 3 -21.15 13.51 -32.46
C PHE B 3 -20.89 14.56 -33.55
N GLY B 4 -19.68 14.52 -34.13
CA GLY B 4 -19.34 15.28 -35.32
C GLY B 4 -19.17 16.79 -35.21
N ALA B 5 -19.12 17.32 -33.99
CA ALA B 5 -18.94 18.76 -33.80
C ALA B 5 -17.49 19.19 -33.55
N ILE B 6 -16.88 18.67 -32.50
CA ILE B 6 -15.50 18.96 -32.15
C ILE B 6 -14.57 18.30 -33.17
N ALA B 7 -13.61 19.08 -33.69
CA ALA B 7 -12.80 18.69 -34.84
C ALA B 7 -13.68 18.16 -35.97
N GLY B 8 -14.91 18.68 -36.07
CA GLY B 8 -15.91 18.21 -37.03
C GLY B 8 -16.41 19.37 -37.84
N PHE B 9 -17.72 19.63 -37.84
CA PHE B 9 -18.25 20.76 -38.59
C PHE B 9 -17.81 22.07 -37.94
N ILE B 10 -17.53 22.04 -36.64
CA ILE B 10 -16.85 23.16 -36.00
C ILE B 10 -15.36 22.78 -35.98
N GLU B 11 -14.66 23.26 -37.01
CA GLU B 11 -13.31 22.84 -37.37
C GLU B 11 -12.24 22.99 -36.29
N GLY B 12 -12.29 24.09 -35.54
CA GLY B 12 -11.25 24.36 -34.55
C GLY B 12 -11.76 24.91 -33.25
N GLY B 13 -10.93 24.86 -32.22
CA GLY B 13 -11.25 25.46 -30.93
C GLY B 13 -10.83 26.90 -30.82
N TRP B 14 -11.39 27.58 -29.82
CA TRP B 14 -11.13 29.01 -29.60
C TRP B 14 -10.20 29.26 -28.42
N GLN B 15 -8.97 29.66 -28.72
CA GLN B 15 -8.01 30.15 -27.73
C GLN B 15 -8.53 31.39 -27.00
N GLY B 16 -9.30 32.21 -27.71
CA GLY B 16 -9.85 33.44 -27.18
C GLY B 16 -11.04 33.30 -26.25
N MET B 17 -11.58 32.09 -26.13
CA MET B 17 -12.60 31.83 -25.13
C MET B 17 -12.00 31.16 -23.89
N VAL B 18 -11.80 31.96 -22.85
CA VAL B 18 -11.00 31.56 -21.70
C VAL B 18 -11.79 31.10 -20.47
N ASP B 19 -13.08 31.44 -20.41
CA ASP B 19 -13.86 31.21 -19.18
C ASP B 19 -14.93 30.11 -19.27
N GLY B 20 -14.65 29.07 -20.04
CA GLY B 20 -15.55 27.93 -20.13
C GLY B 20 -15.17 26.99 -21.25
N TRP B 21 -15.89 25.87 -21.31
CA TRP B 21 -15.59 24.83 -22.30
C TRP B 21 -16.29 25.06 -23.62
N TYR B 22 -17.49 25.63 -23.56
CA TYR B 22 -18.32 25.84 -24.75
C TYR B 22 -18.91 27.23 -24.70
N GLY B 23 -19.17 27.81 -25.87
CA GLY B 23 -19.76 29.12 -25.93
C GLY B 23 -19.90 29.75 -27.30
N TYR B 24 -19.83 31.08 -27.31
CA TYR B 24 -20.24 31.89 -28.45
C TYR B 24 -19.18 32.88 -28.87
N HIS B 25 -19.14 33.15 -30.16
CA HIS B 25 -18.49 34.33 -30.69
C HIS B 25 -19.56 35.01 -31.52
N HIS B 26 -19.85 36.24 -31.17
CA HIS B 26 -20.82 37.07 -31.88
C HIS B 26 -20.13 38.14 -32.73
N SER B 27 -20.84 38.64 -33.73
CA SER B 27 -20.33 39.69 -34.57
C SER B 27 -21.49 40.54 -35.07
N ASN B 28 -21.51 41.81 -34.67
CA ASN B 28 -22.54 42.77 -35.13
C ASN B 28 -21.99 44.20 -35.28
N ASP B 29 -22.88 45.17 -35.53
CA ASP B 29 -22.48 46.59 -35.67
C ASP B 29 -21.73 47.14 -34.46
N GLN B 30 -22.17 46.77 -33.26
CA GLN B 30 -21.57 47.24 -32.01
C GLN B 30 -20.17 46.68 -31.79
N GLY B 31 -19.89 45.54 -32.40
CA GLY B 31 -18.58 44.90 -32.30
C GLY B 31 -18.65 43.40 -32.23
N SER B 32 -17.62 42.80 -31.64
CA SER B 32 -17.49 41.36 -31.56
C SER B 32 -16.85 40.90 -30.24
N GLY B 33 -16.84 39.58 -30.00
CA GLY B 33 -16.27 39.01 -28.79
C GLY B 33 -16.76 37.60 -28.43
N TYR B 34 -15.97 36.91 -27.60
CA TYR B 34 -16.28 35.56 -27.11
C TYR B 34 -17.00 35.60 -25.77
N ALA B 35 -17.89 34.63 -25.55
CA ALA B 35 -18.54 34.44 -24.25
C ALA B 35 -18.85 32.96 -24.04
N ALA B 36 -18.51 32.47 -22.86
CA ALA B 36 -18.80 31.09 -22.49
C ALA B 36 -20.30 30.91 -22.27
N ASP B 37 -20.81 29.73 -22.60
CA ASP B 37 -22.16 29.36 -22.19
C ASP B 37 -22.06 28.80 -20.77
N LYS B 38 -22.70 29.49 -19.83
CA LYS B 38 -22.59 29.18 -18.40
C LYS B 38 -23.29 27.89 -18.01
N GLU B 39 -24.51 27.71 -18.50
CA GLU B 39 -25.32 26.55 -18.15
C GLU B 39 -24.72 25.23 -18.64
N SER B 40 -24.33 25.16 -19.91
CA SER B 40 -23.78 23.92 -20.47
C SER B 40 -22.39 23.57 -19.91
N THR B 41 -21.57 24.59 -19.64
CA THR B 41 -20.24 24.40 -19.05
C THR B 41 -20.34 23.84 -17.62
N GLN B 42 -21.29 24.38 -16.85
CA GLN B 42 -21.49 23.92 -15.47
C GLN B 42 -22.05 22.50 -15.41
N LYS B 43 -23.05 22.20 -16.23
CA LYS B 43 -23.57 20.84 -16.36
C LYS B 43 -22.49 19.80 -16.76
N ALA B 44 -21.61 20.18 -17.70
CA ALA B 44 -20.47 19.32 -18.08
C ALA B 44 -19.49 19.17 -16.93
N PHE B 45 -19.30 20.28 -16.21
CA PHE B 45 -18.41 20.28 -15.06
C PHE B 45 -18.90 19.36 -13.95
N ASP B 46 -20.20 19.38 -13.68
CA ASP B 46 -20.81 18.50 -12.66
C ASP B 46 -20.70 17.01 -13.01
N GLY B 47 -21.01 16.68 -14.27
CA GLY B 47 -20.84 15.33 -14.80
C GLY B 47 -19.41 14.79 -14.70
N ILE B 48 -18.46 15.57 -15.21
CA ILE B 48 -17.05 15.15 -15.19
C ILE B 48 -16.54 14.96 -13.75
N THR B 49 -16.85 15.92 -12.87
CA THR B 49 -16.54 15.82 -11.43
C THR B 49 -17.10 14.54 -10.83
N ASN B 50 -18.36 14.23 -11.11
CA ASN B 50 -18.96 12.99 -10.66
C ASN B 50 -18.26 11.74 -11.21
N LYS B 51 -17.86 11.79 -12.47
CA LYS B 51 -17.14 10.70 -13.09
C LYS B 51 -15.79 10.43 -12.40
N VAL B 52 -15.04 11.49 -12.09
CA VAL B 52 -13.73 11.35 -11.46
C VAL B 52 -13.79 10.93 -9.98
N ASN B 53 -14.90 11.23 -9.31
CA ASN B 53 -15.16 10.69 -7.98
C ASN B 53 -15.62 9.24 -8.05
N SER B 54 -16.48 8.92 -9.02
CA SER B 54 -16.98 7.56 -9.23
C SER B 54 -15.90 6.53 -9.58
N VAL B 55 -14.97 6.91 -10.46
CA VAL B 55 -13.86 6.01 -10.83
C VAL B 55 -12.95 5.77 -9.63
N ILE B 56 -12.64 6.85 -8.90
CA ILE B 56 -11.82 6.82 -7.69
C ILE B 56 -12.46 5.94 -6.58
N GLU B 57 -13.76 6.13 -6.35
CA GLU B 57 -14.46 5.46 -5.26
C GLU B 57 -14.74 3.96 -5.49
N LYS B 58 -14.72 3.54 -6.75
CA LYS B 58 -14.93 2.13 -7.08
C LYS B 58 -13.71 1.26 -6.78
N MET B 59 -12.52 1.87 -6.82
CA MET B 59 -11.29 1.20 -6.38
C MET B 59 -10.80 1.72 -5.02
N ASN B 60 -11.67 1.59 -4.03
CA ASN B 60 -11.33 1.87 -2.63
C ASN B 60 -11.08 0.58 -1.85
N THR B 61 -11.75 -0.49 -2.27
CA THR B 61 -11.49 -1.82 -1.73
C THR B 61 -10.82 -2.68 -2.81
N GLN B 62 -9.65 -2.22 -3.22
CA GLN B 62 -8.74 -2.98 -4.09
C GLN B 62 -7.96 -3.98 -3.22
N PHE B 63 -7.44 -5.05 -3.84
CA PHE B 63 -6.61 -6.04 -3.13
C PHE B 63 -5.30 -5.43 -2.65
N GLU B 64 -4.91 -5.76 -1.42
CA GLU B 64 -3.67 -5.29 -0.82
C GLU B 64 -2.75 -6.46 -0.48
N ALA B 65 -1.50 -6.37 -0.93
CA ALA B 65 -0.48 -7.37 -0.64
C ALA B 65 -0.03 -7.31 0.82
N VAL B 66 -0.07 -8.47 1.47
CA VAL B 66 0.45 -8.68 2.83
C VAL B 66 1.78 -9.44 2.72
N GLY B 67 2.82 -8.94 3.39
CA GLY B 67 4.11 -9.64 3.42
C GLY B 67 4.10 -10.88 4.30
N LYS B 68 4.21 -12.06 3.69
CA LYS B 68 4.33 -13.33 4.41
C LYS B 68 5.64 -13.98 4.04
N GLU B 69 6.16 -14.83 4.91
CA GLU B 69 7.32 -15.64 4.61
C GLU B 69 7.02 -17.15 4.70
N PHE B 70 7.87 -17.92 4.03
CA PHE B 70 7.69 -19.35 3.84
C PHE B 70 9.06 -20.01 3.92
N SER B 71 9.09 -21.20 4.49
CA SER B 71 10.32 -21.96 4.58
C SER B 71 10.63 -22.64 3.24
N ASN B 72 11.83 -23.24 3.18
CA ASN B 72 12.27 -23.99 2.00
C ASN B 72 11.46 -25.27 1.75
N LEU B 73 10.70 -25.72 2.76
CA LEU B 73 9.75 -26.83 2.60
C LEU B 73 8.32 -26.36 2.33
N GLU B 74 8.14 -25.08 2.00
CA GLU B 74 6.82 -24.53 1.74
C GLU B 74 6.80 -23.79 0.43
N ARG B 75 7.48 -24.34 -0.57
CA ARG B 75 7.55 -23.74 -1.91
C ARG B 75 6.23 -23.70 -2.67
N ARG B 76 5.40 -24.74 -2.55
CA ARG B 76 4.07 -24.73 -3.22
C ARG B 76 3.17 -23.67 -2.62
N LEU B 77 3.19 -23.54 -1.31
CA LEU B 77 2.42 -22.51 -0.60
C LEU B 77 2.93 -21.08 -0.91
N GLU B 78 4.26 -20.92 -0.92
CA GLU B 78 4.86 -19.66 -1.35
C GLU B 78 4.43 -19.31 -2.78
N ASN B 79 4.44 -20.31 -3.66
CA ASN B 79 4.10 -20.04 -5.06
C ASN B 79 2.61 -19.68 -5.18
N LEU B 80 1.79 -20.36 -4.39
CA LEU B 80 0.36 -20.11 -4.34
C LEU B 80 0.11 -18.68 -3.90
N ASN B 81 0.76 -18.28 -2.81
CA ASN B 81 0.68 -16.92 -2.32
C ASN B 81 1.11 -15.90 -3.36
N LYS B 82 2.24 -16.16 -4.04
CA LYS B 82 2.78 -15.31 -5.08
C LYS B 82 1.80 -15.19 -6.24
N LYS B 83 1.30 -16.33 -6.73
CA LYS B 83 0.31 -16.37 -7.81
C LYS B 83 -0.96 -15.61 -7.45
N MET B 84 -1.39 -15.70 -6.20
CA MET B 84 -2.60 -15.04 -5.76
C MET B 84 -2.47 -13.53 -5.73
N GLU B 85 -1.38 -13.04 -5.13
CA GLU B 85 -1.12 -11.60 -4.99
C GLU B 85 -0.81 -10.95 -6.34
N ASP B 86 0.02 -11.60 -7.14
CA ASP B 86 0.26 -11.22 -8.53
C ASP B 86 -1.01 -11.31 -9.38
N GLY B 87 -1.85 -12.32 -9.12
CA GLY B 87 -3.12 -12.49 -9.82
C GLY B 87 -4.06 -11.33 -9.64
N PHE B 88 -4.23 -10.89 -8.39
CA PHE B 88 -5.04 -9.73 -8.06
C PHE B 88 -4.45 -8.41 -8.54
N LEU B 89 -3.12 -8.34 -8.54
CA LEU B 89 -2.41 -7.17 -9.01
C LEU B 89 -2.68 -6.95 -10.49
N ASP B 90 -2.65 -8.02 -11.27
CA ASP B 90 -2.95 -7.95 -12.70
C ASP B 90 -4.42 -7.65 -12.96
N VAL B 91 -5.31 -8.15 -12.10
CA VAL B 91 -6.73 -7.88 -12.22
C VAL B 91 -7.01 -6.40 -12.01
N TRP B 92 -6.44 -5.83 -10.96
CA TRP B 92 -6.65 -4.41 -10.65
C TRP B 92 -5.94 -3.47 -11.60
N THR B 93 -4.78 -3.88 -12.12
CA THR B 93 -4.07 -3.11 -13.13
C THR B 93 -4.94 -3.01 -14.39
N TYR B 94 -5.35 -4.16 -14.93
CA TYR B 94 -6.31 -4.24 -16.02
C TYR B 94 -7.56 -3.39 -15.79
N ASN B 95 -8.19 -3.56 -14.63
CA ASN B 95 -9.37 -2.78 -14.22
C ASN B 95 -9.16 -1.28 -14.26
N ALA B 96 -8.06 -0.82 -13.65
CA ALA B 96 -7.75 0.59 -13.59
C ALA B 96 -7.44 1.15 -14.99
N GLU B 97 -6.63 0.42 -15.76
CA GLU B 97 -6.23 0.86 -17.09
C GLU B 97 -7.35 0.85 -18.13
N LEU B 98 -8.25 -0.12 -18.03
CA LEU B 98 -9.40 -0.21 -18.93
C LEU B 98 -10.49 0.81 -18.62
N LEU B 99 -10.79 0.99 -17.33
CA LEU B 99 -11.78 1.96 -16.91
C LEU B 99 -11.40 3.33 -17.43
N VAL B 100 -10.12 3.66 -17.33
CA VAL B 100 -9.60 4.94 -17.79
C VAL B 100 -9.68 5.13 -19.31
N LEU B 101 -9.27 4.13 -20.09
CA LEU B 101 -9.41 4.16 -21.55
C LEU B 101 -10.88 4.35 -21.97
N MET B 102 -11.77 3.60 -21.31
CA MET B 102 -13.19 3.64 -21.65
C MET B 102 -13.84 4.95 -21.23
N GLU B 103 -13.51 5.40 -20.03
CA GLU B 103 -14.06 6.65 -19.58
C GLU B 103 -13.47 7.87 -20.31
N ASN B 104 -12.22 7.79 -20.77
CA ASN B 104 -11.62 8.83 -21.61
C ASN B 104 -12.32 8.94 -22.96
N GLU B 105 -12.61 7.80 -23.58
CA GLU B 105 -13.39 7.78 -24.81
C GLU B 105 -14.74 8.48 -24.61
N HIS B 106 -15.46 8.11 -23.54
CA HIS B 106 -16.76 8.67 -23.23
C HIS B 106 -16.72 10.17 -22.90
N THR B 107 -15.72 10.60 -22.12
CA THR B 107 -15.50 12.00 -21.78
C THR B 107 -15.37 12.89 -23.02
N LEU B 108 -14.54 12.46 -23.96
CA LEU B 108 -14.30 13.21 -25.19
C LEU B 108 -15.57 13.29 -26.03
N ASP B 109 -16.34 12.21 -26.06
CA ASP B 109 -17.63 12.15 -26.78
C ASP B 109 -18.76 12.92 -26.09
N PHE B 110 -18.67 12.96 -24.75
CA PHE B 110 -19.59 13.73 -23.94
C PHE B 110 -19.41 15.24 -24.27
N HIS B 111 -18.17 15.69 -24.32
CA HIS B 111 -17.90 17.09 -24.67
C HIS B 111 -18.40 17.39 -26.08
N ASP B 112 -18.17 16.46 -27.01
CA ASP B 112 -18.61 16.57 -28.41
C ASP B 112 -20.13 16.71 -28.52
N SER B 113 -20.84 15.83 -27.80
CA SER B 113 -22.29 15.91 -27.63
C SER B 113 -22.77 17.26 -27.08
N ASN B 114 -22.07 17.78 -26.07
CA ASN B 114 -22.46 19.03 -25.41
C ASN B 114 -22.36 20.23 -26.38
N VAL B 115 -21.31 20.25 -27.19
CA VAL B 115 -21.16 21.26 -28.25
C VAL B 115 -22.27 21.14 -29.28
N LYS B 116 -22.50 19.93 -29.77
CA LYS B 116 -23.55 19.65 -30.74
C LYS B 116 -24.93 20.03 -30.22
N ASN B 117 -25.21 19.66 -28.97
CA ASN B 117 -26.45 19.99 -28.32
C ASN B 117 -26.65 21.50 -28.16
N LEU B 118 -25.57 22.22 -27.87
CA LEU B 118 -25.61 23.66 -27.78
C LEU B 118 -25.87 24.32 -29.15
N TYR B 119 -25.19 23.83 -30.18
CA TYR B 119 -25.45 24.24 -31.55
C TYR B 119 -26.92 24.03 -31.97
N ASP B 120 -27.46 22.85 -31.68
CA ASP B 120 -28.83 22.51 -32.06
C ASP B 120 -29.85 23.34 -31.30
N LYS B 121 -29.58 23.59 -30.02
CA LYS B 121 -30.41 24.46 -29.19
C LYS B 121 -30.54 25.85 -29.82
N VAL B 122 -29.41 26.46 -30.15
CA VAL B 122 -29.39 27.78 -30.80
C VAL B 122 -30.10 27.72 -32.17
N ARG B 123 -29.78 26.70 -32.98
CA ARG B 123 -30.38 26.49 -34.31
C ARG B 123 -31.91 26.35 -34.25
N MET B 124 -32.39 25.49 -33.36
CA MET B 124 -33.83 25.24 -33.23
C MET B 124 -34.60 26.44 -32.69
N GLN B 125 -33.87 27.41 -32.13
CA GLN B 125 -34.48 28.67 -31.67
C GLN B 125 -34.51 29.79 -32.72
N LEU B 126 -33.46 29.89 -33.54
CA LEU B 126 -33.36 30.92 -34.58
C LEU B 126 -34.17 30.61 -35.84
N ARG B 127 -34.31 29.33 -36.16
CA ARG B 127 -35.09 28.85 -37.30
C ARG B 127 -34.66 29.51 -38.63
N ASP B 128 -35.61 29.99 -39.42
CA ASP B 128 -35.27 30.64 -40.70
C ASP B 128 -35.03 32.15 -40.60
N ASN B 129 -34.88 32.65 -39.37
CA ASN B 129 -34.46 34.02 -39.15
C ASN B 129 -32.96 34.20 -39.40
N VAL B 130 -32.26 33.08 -39.60
CA VAL B 130 -30.81 33.04 -39.84
C VAL B 130 -30.44 32.09 -41.00
N LYS B 131 -29.24 32.29 -41.53
CA LYS B 131 -28.59 31.36 -42.46
C LYS B 131 -27.65 30.49 -41.64
N GLU B 132 -27.72 29.18 -41.84
CA GLU B 132 -26.75 28.23 -41.30
C GLU B 132 -25.57 28.10 -42.27
N LEU B 133 -24.41 28.64 -41.90
CA LEU B 133 -23.25 28.63 -42.81
C LEU B 133 -22.52 27.29 -42.94
N GLY B 134 -22.71 26.40 -41.96
CA GLY B 134 -22.15 25.05 -42.01
C GLY B 134 -20.87 24.86 -41.22
N ASN B 135 -20.37 25.95 -40.62
CA ASN B 135 -19.10 25.97 -39.87
C ASN B 135 -19.32 26.21 -38.37
N GLY B 136 -20.55 26.07 -37.90
CA GLY B 136 -20.90 26.38 -36.52
C GLY B 136 -21.45 27.79 -36.36
N CYS B 137 -21.50 28.57 -37.45
CA CYS B 137 -22.03 29.96 -37.42
C CYS B 137 -23.41 30.14 -38.06
N PHE B 138 -24.17 31.09 -37.52
CA PHE B 138 -25.46 31.48 -38.06
C PHE B 138 -25.39 32.95 -38.51
N GLU B 139 -25.87 33.25 -39.71
CA GLU B 139 -25.88 34.62 -40.19
C GLU B 139 -27.33 35.12 -40.13
N PHE B 140 -27.54 36.22 -39.40
CA PHE B 140 -28.88 36.77 -39.20
C PHE B 140 -29.43 37.45 -40.47
N TYR B 141 -30.73 37.25 -40.71
CA TYR B 141 -31.46 37.94 -41.78
C TYR B 141 -32.08 39.24 -41.23
N HIS B 142 -31.79 39.57 -39.99
CA HIS B 142 -32.25 40.80 -39.37
C HIS B 142 -31.12 41.31 -38.49
N LYS B 143 -31.09 42.62 -38.22
CA LYS B 143 -30.06 43.19 -37.35
C LYS B 143 -30.23 42.73 -35.90
N CYS B 144 -29.15 42.15 -35.36
CA CYS B 144 -29.18 41.57 -34.03
C CYS B 144 -28.15 42.26 -33.14
N ASP B 145 -28.64 43.21 -32.35
CA ASP B 145 -27.78 44.06 -31.51
C ASP B 145 -27.28 43.27 -30.31
N ASP B 146 -26.59 43.94 -29.39
CA ASP B 146 -26.01 43.27 -28.24
C ASP B 146 -27.06 42.62 -27.34
N GLU B 147 -28.19 43.27 -27.15
CA GLU B 147 -29.25 42.72 -26.29
C GLU B 147 -29.96 41.56 -26.97
N CYS B 148 -29.99 41.58 -28.30
CA CYS B 148 -30.52 40.49 -29.10
C CYS B 148 -29.61 39.26 -29.00
N MET B 149 -28.30 39.49 -29.09
CA MET B 149 -27.30 38.43 -28.94
C MET B 149 -27.43 37.73 -27.58
N ASN B 150 -27.61 38.51 -26.52
CA ASN B 150 -27.74 37.96 -25.17
C ASN B 150 -29.01 37.13 -24.98
N SER B 151 -30.09 37.46 -25.70
CA SER B 151 -31.29 36.62 -25.70
C SER B 151 -31.05 35.27 -26.37
N VAL B 152 -30.22 35.26 -27.42
CA VAL B 152 -29.81 34.00 -28.06
C VAL B 152 -28.99 33.16 -27.06
N LYS B 153 -27.98 33.78 -26.48
CA LYS B 153 -27.07 33.12 -25.51
C LYS B 153 -27.73 32.58 -24.24
N ASN B 154 -28.73 33.28 -23.72
CA ASN B 154 -29.43 32.79 -22.51
C ASN B 154 -30.76 32.07 -22.81
N GLY B 155 -31.01 31.80 -24.09
CA GLY B 155 -32.09 30.90 -24.53
C GLY B 155 -33.48 31.50 -24.62
N THR B 156 -33.57 32.82 -24.71
CA THR B 156 -34.85 33.49 -24.80
C THR B 156 -34.92 34.36 -26.05
N TYR B 157 -34.43 33.84 -27.18
CA TYR B 157 -34.58 34.53 -28.45
C TYR B 157 -36.05 34.52 -28.87
N ASP B 158 -36.51 35.67 -29.33
CA ASP B 158 -37.91 35.89 -29.66
C ASP B 158 -38.09 35.78 -31.17
N TYR B 159 -38.39 34.57 -31.64
CA TYR B 159 -38.57 34.31 -33.08
C TYR B 159 -39.74 35.08 -33.70
N PRO B 160 -40.95 35.00 -33.08
CA PRO B 160 -42.08 35.75 -33.61
C PRO B 160 -41.82 37.25 -33.73
N LYS B 161 -40.97 37.77 -32.83
CA LYS B 161 -40.59 39.20 -32.81
C LYS B 161 -39.84 39.64 -34.07
N TYR B 162 -39.08 38.71 -34.66
CA TYR B 162 -38.24 39.03 -35.80
C TYR B 162 -38.69 38.38 -37.10
N GLU B 163 -39.70 37.52 -37.01
CA GLU B 163 -40.24 36.75 -38.12
C GLU B 163 -40.43 37.56 -39.39
N GLU B 164 -41.20 38.64 -39.27
CA GLU B 164 -41.61 39.45 -40.42
C GLU B 164 -40.45 40.22 -41.05
N GLU B 165 -39.61 40.85 -40.22
CA GLU B 165 -38.40 41.50 -40.72
C GLU B 165 -37.47 40.53 -41.44
N SER B 166 -37.23 39.34 -40.86
CA SER B 166 -36.33 38.34 -41.45
C SER B 166 -36.86 37.85 -42.80
N LYS B 167 -38.15 37.47 -42.80
CA LYS B 167 -38.91 37.04 -43.97
C LYS B 167 -38.73 37.97 -45.17
N LEU B 168 -38.86 39.27 -44.94
CA LEU B 168 -38.69 40.27 -45.99
C LEU B 168 -37.27 40.29 -46.55
N ASN B 169 -36.26 40.40 -45.67
CA ASN B 169 -34.83 40.40 -46.05
C ASN B 169 -34.37 39.14 -46.80
N ARG B 170 -34.95 38.01 -46.45
CA ARG B 170 -34.55 36.73 -47.00
C ARG B 170 -35.10 36.57 -48.40
N ASN B 171 -36.22 37.23 -48.67
CA ASN B 171 -36.92 37.13 -49.95
C ASN B 171 -36.37 38.02 -51.07
N GLU B 172 -36.07 39.28 -50.74
CA GLU B 172 -35.70 40.29 -51.75
C GLU B 172 -34.29 40.10 -52.31
C1 NAG C . -3.90 -19.74 37.25
C2 NAG C . -4.69 -20.90 37.90
C3 NAG C . -6.19 -20.58 37.92
C4 NAG C . -6.32 -19.27 38.70
C5 NAG C . -5.65 -18.16 37.87
C6 NAG C . -5.85 -16.73 38.41
C7 NAG C . -4.02 -23.25 37.98
C8 NAG C . -3.87 -24.56 37.26
N2 NAG C . -4.46 -22.20 37.28
O3 NAG C . -6.90 -21.62 38.58
O4 NAG C . -7.60 -19.02 39.30
O5 NAG C . -4.27 -18.48 37.83
O6 NAG C . -5.40 -16.61 39.76
O7 NAG C . -3.72 -23.21 39.18
C1 NAG C . -8.81 -18.89 38.50
C2 NAG C . -9.46 -17.55 38.91
C3 NAG C . -9.87 -16.60 37.75
C4 NAG C . -9.65 -17.13 36.33
C5 NAG C . -9.70 -18.67 36.30
C6 NAG C . -9.50 -19.28 34.91
C7 NAG C . -10.62 -17.68 41.12
C8 NAG C . -11.92 -17.99 41.80
N2 NAG C . -10.61 -17.80 39.78
O3 NAG C . -9.21 -15.35 37.90
O4 NAG C . -10.64 -16.57 35.48
O5 NAG C . -8.65 -19.14 37.11
O6 NAG C . -10.47 -18.84 33.98
O7 NAG C . -9.64 -17.35 41.79
C1 NAG D . 2.35 11.89 -29.46
C2 NAG D . 3.78 11.33 -29.61
C3 NAG D . 4.84 12.28 -30.20
C4 NAG D . 4.30 13.45 -31.03
C5 NAG D . 3.00 13.98 -30.41
C6 NAG D . 2.41 15.18 -31.13
C7 NAG D . 4.48 9.64 -27.96
C8 NAG D . 5.30 9.43 -26.70
N2 NAG D . 4.27 10.92 -28.30
O3 NAG D . 5.73 11.51 -31.00
O4 NAG D . 5.29 14.47 -31.12
O5 NAG D . 2.07 12.91 -30.40
O6 NAG D . 1.10 15.43 -30.66
O7 NAG D . 4.06 8.68 -28.60
C1 EDO E . 11.94 -22.76 37.68
O1 EDO E . 11.19 -22.92 38.86
C2 EDO E . 12.91 -21.61 37.87
O2 EDO E . 12.15 -20.42 37.74
C1 NAG F . -31.77 36.85 -20.89
C2 NAG F . -32.44 37.28 -19.56
C3 NAG F . -32.88 38.74 -19.48
C4 NAG F . -31.95 39.71 -20.22
C5 NAG F . -31.67 39.14 -21.61
C6 NAG F . -30.85 40.08 -22.50
C7 NAG F . -33.52 35.25 -18.65
C8 NAG F . -34.76 34.41 -18.65
N2 NAG F . -33.59 36.43 -19.28
O3 NAG F . -33.05 39.16 -18.13
O4 NAG F . -32.52 41.00 -20.28
O5 NAG F . -31.00 37.89 -21.49
O6 NAG F . -29.73 40.59 -21.80
O7 NAG F . -32.49 34.85 -18.09
C1 PEG G . -14.29 29.48 -38.72
O1 PEG G . -13.84 29.98 -39.98
C2 PEG G . -15.55 30.21 -38.29
O2 PEG G . -15.66 30.27 -36.87
C3 PEG G . -14.98 31.40 -36.31
C4 PEG G . -15.89 32.08 -35.30
O4 PEG G . -15.20 33.17 -34.69
#